data_7TEA
#
_entry.id   7TEA
#
_cell.length_a   66.502
_cell.length_b   99.265
_cell.length_c   238.922
_cell.angle_alpha   90.000
_cell.angle_beta   90.000
_cell.angle_gamma   90.000
#
_symmetry.space_group_name_H-M   'I 21 21 21'
#
loop_
_entity.id
_entity.type
_entity.pdbx_description
1 polymer 'Glutamine synthetase repressor'
2 polymer "DNA (5'-D(*CP*GP*TP*GP*TP*CP*AP*GP*AP*TP*AP*AP*TP*CP*TP*GP*AP*CP*AP*CP*G)-3')"
3 polymer "DNA (5'-D(*CP*GP*TP*GP*TP*CP*AP*GP*AP*TP*TP*AP*TP*CP*TP*GP*AP*CP*AP*CP*G)-3')"
4 non-polymer 'CALCIUM ION'
5 water water
#
loop_
_entity_poly.entity_id
_entity_poly.type
_entity_poly.pdbx_seq_one_letter_code
_entity_poly.pdbx_strand_id
1 'polypeptide(L)'
;GSHMISNDAIRRNMAVFSMSVVSKLTDLTPRQIRYYETHELIKPERTEGQKRLFSLNDLERLLEIKSLLEKGFNIKEIKQ
IIYDSQ
;
B,E,A,C
2 'polydeoxyribonucleotide'
;(DC)(DG)(DT)(DG)(DT)(DC)(DA)(DG)(DA)(DT)(DA)(DA)(DT)(DC)(DT)(DG)(DA)(DC)(DA)(DC)
(DG)
;
G,D
3 'polydeoxyribonucleotide'
;(DC)(DG)(DT)(DG)(DT)(DC)(DA)(DG)(DA)(DT)(DT)(DA)(DT)(DC)(DT)(DG)(DA)(DC)(DA)(DC)
(DG)
;
F,H
#
# COMPACT_ATOMS: atom_id res chain seq x y z
N ALA A 9 23.15 -6.84 -23.13
CA ALA A 9 21.77 -6.73 -23.60
C ALA A 9 21.60 -7.40 -24.94
N ILE A 10 22.72 -7.75 -25.56
CA ILE A 10 22.69 -8.37 -26.88
C ILE A 10 22.70 -9.87 -26.67
N ARG A 11 22.29 -10.33 -25.49
CA ARG A 11 21.98 -11.75 -25.33
C ARG A 11 20.87 -12.10 -26.29
N ARG A 12 21.19 -12.83 -27.37
CA ARG A 12 20.23 -13.02 -28.44
C ARG A 12 19.02 -13.84 -28.00
N ASN A 13 19.07 -14.47 -26.83
CA ASN A 13 17.94 -15.21 -26.27
C ASN A 13 17.24 -14.43 -25.17
N MET A 14 17.44 -13.13 -25.10
CA MET A 14 16.85 -12.32 -24.03
C MET A 14 15.62 -11.59 -24.56
N ALA A 15 14.50 -11.77 -23.87
CA ALA A 15 13.23 -11.18 -24.23
C ALA A 15 13.21 -9.69 -23.86
N VAL A 16 13.22 -8.81 -24.87
CA VAL A 16 13.36 -7.38 -24.60
C VAL A 16 12.36 -6.51 -25.36
N PHE A 17 11.71 -7.06 -26.39
CA PHE A 17 10.85 -6.25 -27.25
C PHE A 17 9.40 -6.58 -26.98
N SER A 18 8.58 -5.55 -26.85
CA SER A 18 7.14 -5.70 -26.72
C SER A 18 6.50 -5.96 -28.10
N MET A 19 5.22 -6.31 -28.06
CA MET A 19 4.50 -6.64 -29.30
C MET A 19 4.61 -5.52 -30.35
N SER A 20 4.29 -4.28 -29.98
CA SER A 20 4.30 -3.18 -30.95
C SER A 20 5.70 -2.95 -31.55
N VAL A 21 6.76 -3.12 -30.74
CA VAL A 21 8.12 -2.99 -31.28
C VAL A 21 8.44 -4.11 -32.25
N VAL A 22 8.18 -5.36 -31.83
CA VAL A 22 8.42 -6.50 -32.72
C VAL A 22 7.63 -6.33 -34.01
N SER A 23 6.37 -5.90 -33.88
CA SER A 23 5.53 -5.57 -35.03
C SER A 23 6.24 -4.61 -35.98
N LYS A 24 6.72 -3.47 -35.45
CA LYS A 24 7.35 -2.48 -36.33
C LYS A 24 8.65 -3.00 -36.93
N LEU A 25 9.41 -3.80 -36.18
CA LEU A 25 10.68 -4.28 -36.69
C LEU A 25 10.49 -5.34 -37.77
N THR A 26 9.47 -6.18 -37.62
CA THR A 26 9.26 -7.27 -38.57
C THR A 26 8.38 -6.90 -39.74
N ASP A 27 7.59 -5.82 -39.61
CA ASP A 27 6.57 -5.50 -40.62
C ASP A 27 5.49 -6.59 -40.67
N LEU A 28 5.11 -7.10 -39.50
CA LEU A 28 4.00 -8.04 -39.35
C LEU A 28 3.04 -7.49 -38.33
N THR A 29 1.75 -7.74 -38.54
CA THR A 29 0.74 -7.31 -37.57
C THR A 29 0.75 -8.24 -36.36
N PRO A 30 0.38 -7.73 -35.19
CA PRO A 30 0.17 -8.62 -34.04
C PRO A 30 -0.73 -9.80 -34.35
N ARG A 31 -1.68 -9.62 -35.28
CA ARG A 31 -2.55 -10.71 -35.69
C ARG A 31 -1.72 -11.84 -36.28
N GLN A 32 -0.83 -11.52 -37.22
CA GLN A 32 0.03 -12.53 -37.82
C GLN A 32 0.95 -13.15 -36.78
N ILE A 33 1.60 -12.31 -35.97
CA ILE A 33 2.57 -12.80 -34.99
C ILE A 33 1.91 -13.80 -34.04
N ARG A 34 0.77 -13.44 -33.47
CA ARG A 34 0.15 -14.35 -32.50
C ARG A 34 -0.31 -15.65 -33.18
N TYR A 35 -0.69 -15.55 -34.46
CA TYR A 35 -1.16 -16.70 -35.20
C TYR A 35 -0.02 -17.71 -35.38
N TYR A 36 1.17 -17.22 -35.74
CA TYR A 36 2.32 -18.10 -35.91
C TYR A 36 2.71 -18.79 -34.61
N GLU A 37 2.45 -18.14 -33.47
CA GLU A 37 2.69 -18.81 -32.20
C GLU A 37 1.67 -19.92 -31.96
N THR A 38 0.37 -19.61 -32.13
CA THR A 38 -0.64 -20.63 -31.85
C THR A 38 -0.43 -21.88 -32.71
N HIS A 39 0.08 -21.70 -33.94
CA HIS A 39 0.44 -22.83 -34.80
C HIS A 39 1.88 -23.27 -34.60
N GLU A 40 2.44 -23.00 -33.41
CA GLU A 40 3.69 -23.57 -32.88
C GLU A 40 4.88 -23.42 -33.83
N LEU A 41 5.06 -22.22 -34.39
CA LEU A 41 6.29 -21.89 -35.09
C LEU A 41 7.21 -20.99 -34.28
N ILE A 42 6.74 -20.50 -33.14
CA ILE A 42 7.51 -19.62 -32.29
C ILE A 42 6.83 -19.63 -30.93
N LYS A 43 7.62 -19.54 -29.86
CA LYS A 43 7.07 -19.44 -28.51
C LYS A 43 7.89 -18.43 -27.71
N PRO A 44 7.42 -17.20 -27.59
CA PRO A 44 8.16 -16.18 -26.85
C PRO A 44 7.90 -16.24 -25.36
N GLU A 45 8.84 -15.66 -24.61
CA GLU A 45 8.67 -15.49 -23.18
C GLU A 45 7.38 -14.72 -22.89
N ARG A 46 6.89 -14.85 -21.65
CA ARG A 46 5.73 -14.11 -21.18
C ARG A 46 6.07 -13.42 -19.87
N THR A 47 5.56 -12.21 -19.70
CA THR A 47 5.60 -11.61 -18.38
C THR A 47 4.68 -12.37 -17.44
N GLU A 48 4.71 -12.01 -16.17
CA GLU A 48 3.81 -12.67 -15.25
C GLU A 48 2.36 -12.38 -15.58
N GLY A 49 2.09 -11.25 -16.25
CA GLY A 49 0.78 -10.88 -16.74
C GLY A 49 0.45 -11.41 -18.11
N GLN A 50 1.34 -12.24 -18.68
CA GLN A 50 1.13 -12.97 -19.92
C GLN A 50 1.20 -12.10 -21.17
N LYS A 51 1.68 -10.86 -21.07
CA LYS A 51 2.12 -10.16 -22.27
C LYS A 51 3.34 -10.87 -22.82
N ARG A 52 3.52 -10.80 -24.13
CA ARG A 52 4.66 -11.45 -24.76
C ARG A 52 5.86 -10.52 -24.79
N LEU A 53 7.05 -11.10 -24.67
CA LEU A 53 8.29 -10.37 -24.85
C LEU A 53 9.19 -11.19 -25.74
N PHE A 54 9.70 -10.57 -26.80
CA PHE A 54 10.43 -11.28 -27.83
C PHE A 54 11.92 -10.97 -27.73
N SER A 55 12.71 -11.91 -28.21
CA SER A 55 14.15 -11.77 -28.26
C SER A 55 14.59 -11.48 -29.69
N LEU A 56 15.90 -11.21 -29.85
CA LEU A 56 16.47 -11.06 -31.18
C LEU A 56 16.31 -12.35 -31.98
N ASN A 57 16.40 -13.51 -31.30
CA ASN A 57 16.19 -14.78 -31.99
C ASN A 57 14.75 -14.93 -32.44
N ASP A 58 13.79 -14.51 -31.60
CA ASP A 58 12.41 -14.43 -32.05
C ASP A 58 12.30 -13.59 -33.30
N LEU A 59 12.96 -12.43 -33.30
CA LEU A 59 13.00 -11.58 -34.47
C LEU A 59 13.46 -12.33 -35.71
N GLU A 60 14.59 -13.03 -35.59
CA GLU A 60 15.10 -13.81 -36.72
C GLU A 60 14.06 -14.82 -37.18
N ARG A 61 13.42 -15.50 -36.22
CA ARG A 61 12.46 -16.54 -36.53
C ARG A 61 11.27 -15.96 -37.28
N LEU A 62 10.71 -14.87 -36.80
CA LEU A 62 9.60 -14.23 -37.48
C LEU A 62 9.96 -13.89 -38.93
N LEU A 63 11.07 -13.18 -39.11
CA LEU A 63 11.53 -12.78 -40.46
C LEU A 63 11.68 -14.01 -41.35
N GLU A 64 12.15 -15.13 -40.80
CA GLU A 64 12.29 -16.36 -41.59
C GLU A 64 10.89 -16.77 -42.06
N ILE A 65 9.96 -16.89 -41.11
CA ILE A 65 8.55 -17.28 -41.42
C ILE A 65 8.01 -16.34 -42.50
N LYS A 66 8.15 -15.03 -42.27
CA LYS A 66 7.64 -14.02 -43.23
C LYS A 66 8.16 -14.31 -44.64
N SER A 67 9.47 -14.52 -44.78
CA SER A 67 10.03 -14.72 -46.11
C SER A 67 9.53 -16.03 -46.72
N LEU A 68 9.37 -17.08 -45.91
CA LEU A 68 8.92 -18.36 -46.44
C LEU A 68 7.46 -18.31 -46.87
N LEU A 69 6.58 -17.68 -46.08
CA LEU A 69 5.22 -17.42 -46.56
C LEU A 69 5.23 -16.64 -47.85
N GLU A 70 6.09 -15.64 -47.95
CA GLU A 70 6.24 -14.87 -49.17
C GLU A 70 6.62 -15.75 -50.35
N LYS A 71 7.18 -16.94 -50.11
CA LYS A 71 7.65 -17.79 -51.20
C LYS A 71 6.62 -18.85 -51.60
N GLY A 72 5.47 -18.90 -50.92
CA GLY A 72 4.41 -19.80 -51.28
C GLY A 72 4.23 -20.99 -50.37
N PHE A 73 4.89 -21.01 -49.22
CA PHE A 73 4.91 -22.20 -48.38
C PHE A 73 3.79 -22.14 -47.34
N ASN A 74 3.19 -23.30 -47.09
CA ASN A 74 2.12 -23.41 -46.10
C ASN A 74 2.70 -23.27 -44.69
N ILE A 75 1.83 -23.04 -43.72
CA ILE A 75 2.28 -23.02 -42.32
C ILE A 75 2.94 -24.34 -41.97
N LYS A 76 2.42 -25.45 -42.49
CA LYS A 76 2.97 -26.75 -42.10
C LYS A 76 4.19 -27.10 -42.92
N GLU A 77 4.32 -26.56 -44.14
CA GLU A 77 5.59 -26.65 -44.83
C GLU A 77 6.67 -25.92 -44.00
N ILE A 78 6.35 -24.73 -43.51
CA ILE A 78 7.34 -23.94 -42.79
C ILE A 78 7.73 -24.62 -41.49
N LYS A 79 6.79 -25.28 -40.81
CA LYS A 79 7.14 -25.96 -39.58
C LYS A 79 8.15 -27.06 -39.82
N GLN A 80 8.09 -27.72 -40.97
CA GLN A 80 9.13 -28.68 -41.26
C GLN A 80 10.46 -28.01 -41.55
N ILE A 81 10.43 -26.87 -42.27
CA ILE A 81 11.66 -26.23 -42.72
C ILE A 81 12.55 -25.83 -41.54
N ILE A 82 11.97 -25.52 -40.38
CA ILE A 82 12.71 -24.85 -39.33
C ILE A 82 13.08 -25.76 -38.15
N TYR A 83 12.41 -26.87 -37.93
CA TYR A 83 12.48 -27.48 -36.59
C TYR A 83 13.24 -28.79 -36.49
N ASP A 84 12.86 -29.83 -37.26
CA ASP A 84 13.22 -31.23 -36.98
C ASP A 84 14.61 -31.43 -36.42
N SER A 85 15.61 -30.82 -37.06
CA SER A 85 16.99 -31.16 -36.72
C SER A 85 17.63 -30.23 -35.71
N GLN A 86 17.30 -28.95 -35.73
CA GLN A 86 17.93 -27.98 -34.83
C GLN A 86 17.30 -28.02 -33.44
N ALA B 9 21.80 -4.99 -36.60
CA ALA B 9 20.91 -4.27 -37.51
C ALA B 9 19.92 -3.38 -36.75
N ILE B 10 19.94 -3.48 -35.42
CA ILE B 10 19.18 -2.59 -34.54
C ILE B 10 20.13 -1.52 -34.05
N ARG B 11 19.90 -0.27 -34.48
CA ARG B 11 20.86 0.78 -34.24
C ARG B 11 20.73 1.33 -32.82
N ARG B 12 21.83 1.93 -32.32
CA ARG B 12 21.92 2.32 -30.92
C ARG B 12 21.01 3.48 -30.55
N ASN B 13 20.49 4.22 -31.53
CA ASN B 13 19.57 5.33 -31.25
C ASN B 13 18.10 4.95 -31.49
N MET B 14 17.79 3.66 -31.61
CA MET B 14 16.46 3.21 -31.97
C MET B 14 15.66 2.93 -30.70
N ALA B 15 14.51 3.58 -30.56
CA ALA B 15 13.69 3.43 -29.36
C ALA B 15 13.01 2.07 -29.41
N VAL B 16 13.44 1.13 -28.58
CA VAL B 16 12.94 -0.23 -28.71
C VAL B 16 12.58 -0.88 -27.38
N PHE B 17 12.98 -0.28 -26.27
CA PHE B 17 12.77 -0.90 -24.96
C PHE B 17 11.74 -0.15 -24.14
N SER B 18 10.85 -0.91 -23.52
CA SER B 18 9.81 -0.41 -22.65
C SER B 18 10.35 -0.27 -21.21
N MET B 19 9.61 0.50 -20.40
CA MET B 19 10.01 0.76 -19.02
C MET B 19 10.47 -0.51 -18.30
N SER B 20 9.60 -1.52 -18.25
CA SER B 20 9.88 -2.71 -17.44
C SER B 20 11.13 -3.42 -17.93
N VAL B 21 11.33 -3.51 -19.24
CA VAL B 21 12.55 -4.14 -19.74
C VAL B 21 13.77 -3.29 -19.39
N VAL B 22 13.67 -1.97 -19.55
CA VAL B 22 14.82 -1.11 -19.26
C VAL B 22 15.17 -1.19 -17.77
N SER B 23 14.14 -1.25 -16.93
CA SER B 23 14.35 -1.33 -15.48
C SER B 23 15.09 -2.60 -15.12
N LYS B 24 14.77 -3.72 -15.80
CA LYS B 24 15.47 -4.97 -15.54
C LYS B 24 16.89 -4.95 -16.10
N LEU B 25 17.07 -4.38 -17.29
CA LEU B 25 18.42 -4.28 -17.82
C LEU B 25 19.33 -3.41 -16.95
N THR B 26 18.80 -2.50 -16.14
CA THR B 26 19.66 -1.56 -15.43
C THR B 26 19.66 -1.70 -13.91
N ASP B 27 18.72 -2.47 -13.33
CA ASP B 27 18.58 -2.59 -11.87
C ASP B 27 18.15 -1.26 -11.23
N LEU B 28 17.48 -0.42 -12.02
CA LEU B 28 16.91 0.83 -11.54
C LEU B 28 15.39 0.70 -11.54
N THR B 29 14.75 1.28 -10.53
CA THR B 29 13.31 1.33 -10.51
C THR B 29 12.82 2.31 -11.57
N PRO B 30 11.47 2.26 -12.10
CA PRO B 30 10.52 3.18 -13.14
C PRO B 30 10.64 4.55 -12.46
N ARG B 31 10.67 4.56 -11.12
CA ARG B 31 10.75 5.82 -10.34
C ARG B 31 12.10 6.53 -10.54
N GLN B 32 13.21 5.79 -10.46
CA GLN B 32 14.54 6.44 -10.61
C GLN B 32 14.71 6.91 -12.07
N ILE B 33 14.37 6.04 -13.02
CA ILE B 33 14.53 6.35 -14.47
C ILE B 33 13.72 7.59 -14.83
N ARG B 34 12.51 7.72 -14.31
CA ARG B 34 11.66 8.89 -14.62
C ARG B 34 12.27 10.14 -13.97
N TYR B 35 12.85 9.96 -12.80
CA TYR B 35 13.47 11.09 -12.05
C TYR B 35 14.66 11.64 -12.83
N TYR B 36 15.49 10.78 -13.44
CA TYR B 36 16.64 11.35 -14.14
C TYR B 36 16.19 12.09 -15.39
N GLU B 37 15.09 11.67 -16.03
CA GLU B 37 14.60 12.45 -17.16
C GLU B 37 14.08 13.82 -16.69
N THR B 38 13.31 13.84 -15.59
CA THR B 38 12.89 15.09 -14.96
C THR B 38 14.06 16.07 -14.74
N HIS B 39 15.24 15.56 -14.46
CA HIS B 39 16.39 16.43 -14.25
C HIS B 39 17.28 16.54 -15.48
N GLU B 40 16.68 16.39 -16.67
CA GLU B 40 17.32 16.63 -17.96
C GLU B 40 18.60 15.81 -18.17
N LEU B 41 18.71 14.68 -17.45
CA LEU B 41 19.84 13.79 -17.62
C LEU B 41 19.64 12.87 -18.80
N ILE B 42 18.39 12.67 -19.21
CA ILE B 42 18.05 11.81 -20.33
C ILE B 42 16.67 12.23 -20.82
N LYS B 43 16.34 11.84 -22.04
CA LYS B 43 15.06 12.20 -22.64
C LYS B 43 14.66 11.13 -23.66
N PRO B 44 14.00 10.06 -23.21
CA PRO B 44 13.65 8.96 -24.12
C PRO B 44 12.52 9.34 -25.06
N GLU B 45 12.37 8.56 -26.12
CA GLU B 45 11.26 8.75 -27.05
C GLU B 45 9.96 8.32 -26.38
N ARG B 46 8.86 8.85 -26.90
CA ARG B 46 7.51 8.57 -26.43
C ARG B 46 6.69 7.96 -27.57
N THR B 47 5.89 6.97 -27.23
CA THR B 47 4.87 6.55 -28.18
C THR B 47 3.78 7.61 -28.30
N GLU B 48 2.81 7.36 -29.18
CA GLU B 48 1.68 8.28 -29.31
C GLU B 48 0.84 8.32 -28.05
N GLY B 49 0.90 7.28 -27.21
CA GLY B 49 0.21 7.34 -25.94
C GLY B 49 1.06 7.88 -24.82
N GLN B 50 2.22 8.46 -25.15
CA GLN B 50 3.13 9.07 -24.18
C GLN B 50 3.79 8.07 -23.26
N LYS B 51 3.86 6.80 -23.66
CA LYS B 51 4.71 5.85 -22.96
C LYS B 51 6.15 5.95 -23.47
N ARG B 52 7.10 5.74 -22.55
CA ARG B 52 8.52 5.91 -22.85
C ARG B 52 9.08 4.70 -23.55
N LEU B 53 9.96 4.94 -24.55
CA LEU B 53 10.65 3.89 -25.29
C LEU B 53 12.14 4.23 -25.35
N PHE B 54 12.98 3.34 -24.85
CA PHE B 54 14.41 3.59 -24.69
C PHE B 54 15.23 2.86 -25.75
N SER B 55 16.32 3.50 -26.16
CA SER B 55 17.32 2.98 -27.09
C SER B 55 18.52 2.42 -26.32
N LEU B 56 19.42 1.76 -27.04
CA LEU B 56 20.65 1.29 -26.41
C LEU B 56 21.46 2.45 -25.86
N ASN B 57 21.51 3.56 -26.61
CA ASN B 57 22.15 4.77 -26.09
C ASN B 57 21.54 5.16 -24.73
N ASP B 58 20.21 5.17 -24.63
CA ASP B 58 19.57 5.43 -23.33
C ASP B 58 20.06 4.45 -22.28
N LEU B 59 20.05 3.15 -22.61
CA LEU B 59 20.63 2.13 -21.74
C LEU B 59 22.00 2.53 -21.20
N GLU B 60 22.91 2.92 -22.10
CA GLU B 60 24.25 3.25 -21.63
C GLU B 60 24.22 4.50 -20.77
N ARG B 61 23.33 5.45 -21.05
CA ARG B 61 23.36 6.72 -20.26
C ARG B 61 22.82 6.46 -18.86
N LEU B 62 21.86 5.55 -18.71
CA LEU B 62 21.26 5.26 -17.40
C LEU B 62 22.31 4.56 -16.52
N LEU B 63 23.08 3.66 -17.12
CA LEU B 63 24.13 2.93 -16.35
C LEU B 63 25.17 3.93 -15.89
N GLU B 64 25.54 4.87 -16.76
CA GLU B 64 26.51 5.94 -16.41
C GLU B 64 26.01 6.66 -15.16
N ILE B 65 24.75 7.08 -15.18
CA ILE B 65 24.14 7.80 -14.02
C ILE B 65 24.19 6.91 -12.78
N LYS B 66 23.81 5.64 -12.94
CA LYS B 66 23.78 4.70 -11.79
C LYS B 66 25.15 4.67 -11.12
N SER B 67 26.19 4.38 -11.89
CA SER B 67 27.56 4.30 -11.34
C SER B 67 27.91 5.58 -10.57
N LEU B 68 27.83 6.74 -11.24
CA LEU B 68 28.21 7.98 -10.57
C LEU B 68 27.34 8.24 -9.35
N LEU B 69 26.12 7.72 -9.32
CA LEU B 69 25.34 7.82 -8.10
C LEU B 69 25.94 6.95 -7.01
N GLU B 70 26.50 5.80 -7.37
CA GLU B 70 27.10 4.91 -6.40
C GLU B 70 28.55 5.27 -6.07
N LYS B 71 29.14 6.22 -6.79
CA LYS B 71 30.38 6.85 -6.35
C LYS B 71 30.13 8.06 -5.46
N GLY B 72 28.87 8.32 -5.11
CA GLY B 72 28.52 9.34 -4.15
C GLY B 72 28.13 10.69 -4.71
N PHE B 73 28.11 10.84 -6.03
CA PHE B 73 27.81 12.13 -6.64
C PHE B 73 26.34 12.51 -6.56
N ASN B 74 26.12 13.81 -6.35
CA ASN B 74 24.84 14.49 -6.47
C ASN B 74 24.25 14.30 -7.88
N ILE B 75 22.96 14.62 -8.03
CA ILE B 75 22.40 14.72 -9.38
C ILE B 75 22.98 15.94 -10.10
N LYS B 76 22.98 17.11 -9.44
CA LYS B 76 23.52 18.32 -10.08
C LYS B 76 24.98 18.14 -10.47
N GLU B 77 25.73 17.34 -9.72
CA GLU B 77 27.12 17.08 -10.08
C GLU B 77 27.20 16.17 -11.30
N ILE B 78 26.27 15.22 -11.41
CA ILE B 78 26.26 14.28 -12.53
C ILE B 78 25.88 14.99 -13.82
N LYS B 79 24.96 15.96 -13.74
CA LYS B 79 24.66 16.81 -14.88
C LYS B 79 25.93 17.40 -15.46
N GLN B 80 26.76 18.03 -14.59
CA GLN B 80 28.03 18.62 -15.03
C GLN B 80 28.91 17.60 -15.73
N ILE B 81 28.93 16.36 -15.22
CA ILE B 81 29.91 15.39 -15.67
C ILE B 81 29.51 14.82 -17.03
N ILE B 82 28.23 14.45 -17.18
CA ILE B 82 27.80 13.85 -18.42
C ILE B 82 27.90 14.83 -19.59
N TYR B 83 27.94 16.13 -19.29
CA TYR B 83 27.96 17.17 -20.31
C TYR B 83 29.25 18.00 -20.26
N ASP B 84 30.31 17.46 -19.65
CA ASP B 84 31.62 18.10 -19.69
C ASP B 84 32.76 17.13 -19.89
N SER B 85 32.48 15.83 -20.12
CA SER B 85 33.55 14.85 -20.31
C SER B 85 34.55 15.29 -21.37
N GLN B 86 34.09 16.01 -22.39
CA GLN B 86 34.97 16.59 -23.41
C GLN B 86 35.82 17.74 -22.87
N ALA E 9 -0.94 2.88 27.84
CA ALA E 9 -0.78 1.85 28.87
C ALA E 9 -2.11 1.23 29.33
N ILE E 10 -2.93 0.80 28.38
CA ILE E 10 -4.23 0.20 28.68
C ILE E 10 -4.27 -1.18 28.05
N ARG E 11 -4.67 -2.18 28.83
CA ARG E 11 -4.75 -3.53 28.31
C ARG E 11 -5.83 -3.63 27.23
N ARG E 12 -5.51 -4.35 26.15
CA ARG E 12 -6.47 -4.53 25.07
C ARG E 12 -7.71 -5.30 25.51
N ASN E 13 -7.65 -5.98 26.66
CA ASN E 13 -8.80 -6.71 27.16
C ASN E 13 -9.52 -6.01 28.30
N MET E 14 -9.37 -4.71 28.43
CA MET E 14 -9.90 -4.00 29.59
C MET E 14 -11.14 -3.23 29.16
N ALA E 15 -12.26 -3.48 29.83
CA ALA E 15 -13.53 -2.91 29.40
C ALA E 15 -13.52 -1.41 29.73
N VAL E 16 -13.54 -0.57 28.70
CA VAL E 16 -13.39 0.86 28.91
C VAL E 16 -14.41 1.72 28.19
N PHE E 17 -15.10 1.22 27.15
CA PHE E 17 -15.98 2.04 26.33
C PHE E 17 -17.45 1.70 26.55
N SER E 18 -18.28 2.74 26.71
CA SER E 18 -19.73 2.61 26.82
C SER E 18 -20.39 2.35 25.46
N MET E 19 -21.68 2.03 25.48
CA MET E 19 -22.39 1.69 24.24
C MET E 19 -22.27 2.79 23.20
N SER E 20 -22.59 4.04 23.56
CA SER E 20 -22.59 5.13 22.58
C SER E 20 -21.20 5.36 21.99
N VAL E 21 -20.14 5.22 22.78
CA VAL E 21 -18.80 5.41 22.26
C VAL E 21 -18.46 4.30 21.26
N VAL E 22 -18.67 3.03 21.67
CA VAL E 22 -18.48 1.89 20.78
C VAL E 22 -19.29 2.06 19.49
N SER E 23 -20.53 2.56 19.62
CA SER E 23 -21.31 2.89 18.43
C SER E 23 -20.55 3.83 17.50
N LYS E 24 -20.02 4.95 18.03
CA LYS E 24 -19.40 5.95 17.18
C LYS E 24 -18.10 5.45 16.60
N LEU E 25 -17.37 4.61 17.35
CA LEU E 25 -16.07 4.11 16.91
C LEU E 25 -16.21 3.02 15.83
N THR E 26 -17.31 2.27 15.85
CA THR E 26 -17.49 1.18 14.91
C THR E 26 -18.48 1.49 13.79
N ASP E 27 -19.27 2.56 13.91
CA ASP E 27 -20.35 2.86 12.98
C ASP E 27 -21.39 1.73 12.93
N LEU E 28 -21.80 1.28 14.11
CA LEU E 28 -22.83 0.28 14.26
C LEU E 28 -23.86 0.80 15.24
N THR E 29 -25.15 0.52 15.01
CA THR E 29 -26.16 0.91 15.98
C THR E 29 -26.08 0.02 17.22
N PRO E 30 -26.49 0.55 18.37
CA PRO E 30 -26.72 -0.31 19.54
C PRO E 30 -27.55 -1.53 19.22
N ARG E 31 -28.55 -1.35 18.34
CA ARG E 31 -29.41 -2.45 17.94
C ARG E 31 -28.58 -3.57 17.33
N GLN E 32 -27.71 -3.22 16.38
CA GLN E 32 -26.80 -4.18 15.78
C GLN E 32 -25.87 -4.77 16.83
N ILE E 33 -25.23 -3.91 17.64
CA ILE E 33 -24.26 -4.39 18.63
C ILE E 33 -24.90 -5.40 19.57
N ARG E 34 -26.08 -5.08 20.11
CA ARG E 34 -26.71 -5.99 21.05
C ARG E 34 -27.17 -7.28 20.35
N TYR E 35 -27.45 -7.22 19.05
CA TYR E 35 -27.90 -8.39 18.31
C TYR E 35 -26.75 -9.40 18.13
N TYR E 36 -25.58 -8.91 17.74
CA TYR E 36 -24.41 -9.78 17.60
C TYR E 36 -24.09 -10.48 18.92
N GLU E 37 -24.22 -9.77 20.04
CA GLU E 37 -24.05 -10.46 21.33
C GLU E 37 -25.15 -11.50 21.53
N THR E 38 -26.41 -11.14 21.22
CA THR E 38 -27.50 -12.08 21.39
C THR E 38 -27.23 -13.38 20.64
N HIS E 39 -26.57 -13.30 19.48
CA HIS E 39 -26.23 -14.48 18.69
C HIS E 39 -24.81 -14.97 18.92
N GLU E 40 -24.26 -14.71 20.11
CA GLU E 40 -23.03 -15.33 20.59
C GLU E 40 -21.81 -15.05 19.70
N LEU E 41 -21.81 -13.91 19.02
CA LEU E 41 -20.63 -13.47 18.29
C LEU E 41 -19.69 -12.62 19.14
N ILE E 42 -20.12 -12.20 20.33
CA ILE E 42 -19.35 -11.33 21.21
C ILE E 42 -20.00 -11.35 22.59
N LYS E 43 -19.21 -11.24 23.64
CA LYS E 43 -19.76 -11.16 24.99
C LYS E 43 -18.96 -10.16 25.84
N PRO E 44 -19.40 -8.91 25.89
CA PRO E 44 -18.66 -7.90 26.66
C PRO E 44 -18.95 -7.95 28.15
N GLU E 45 -18.03 -7.38 28.91
CA GLU E 45 -18.20 -7.22 30.34
C GLU E 45 -19.47 -6.40 30.63
N ARG E 46 -19.92 -6.46 31.89
CA ARG E 46 -21.11 -5.76 32.34
C ARG E 46 -20.85 -5.08 33.67
N THR E 47 -21.33 -3.85 33.82
CA THR E 47 -21.31 -3.22 35.13
C THR E 47 -22.24 -3.99 36.08
N GLU E 48 -22.16 -3.67 37.36
CA GLU E 48 -23.02 -4.33 38.33
C GLU E 48 -24.48 -4.02 38.06
N GLY E 49 -24.77 -2.99 37.28
CA GLY E 49 -26.09 -2.62 36.84
C GLY E 49 -26.45 -3.18 35.48
N GLN E 50 -25.58 -4.00 34.90
CA GLN E 50 -25.80 -4.73 33.65
C GLN E 50 -25.68 -3.87 32.40
N LYS E 51 -25.05 -2.70 32.49
CA LYS E 51 -24.68 -1.97 31.28
C LYS E 51 -23.45 -2.61 30.68
N ARG E 52 -23.37 -2.57 29.35
CA ARG E 52 -22.26 -3.19 28.65
C ARG E 52 -21.05 -2.26 28.60
N LEU E 53 -19.86 -2.85 28.74
CA LEU E 53 -18.59 -2.14 28.67
C LEU E 53 -17.65 -2.91 27.77
N PHE E 54 -17.08 -2.24 26.78
CA PHE E 54 -16.38 -2.89 25.70
C PHE E 54 -14.88 -2.59 25.76
N SER E 55 -14.07 -3.59 25.42
CA SER E 55 -12.62 -3.46 25.37
C SER E 55 -12.17 -3.15 23.95
N LEU E 56 -10.87 -2.92 23.79
CA LEU E 56 -10.31 -2.76 22.44
C LEU E 56 -10.43 -4.06 21.66
N ASN E 57 -10.28 -5.19 22.34
CA ASN E 57 -10.57 -6.48 21.73
C ASN E 57 -12.02 -6.55 21.25
N ASP E 58 -12.98 -6.19 22.11
CA ASP E 58 -14.38 -6.08 21.66
C ASP E 58 -14.49 -5.23 20.41
N LEU E 59 -13.79 -4.10 20.41
CA LEU E 59 -13.78 -3.22 19.25
C LEU E 59 -13.31 -3.94 17.99
N GLU E 60 -12.19 -4.67 18.09
CA GLU E 60 -11.69 -5.41 16.93
C GLU E 60 -12.73 -6.42 16.47
N ARG E 61 -13.37 -7.10 17.41
CA ARG E 61 -14.36 -8.11 17.09
C ARG E 61 -15.53 -7.50 16.35
N LEU E 62 -16.01 -6.36 16.82
CA LEU E 62 -17.18 -5.72 16.19
C LEU E 62 -16.88 -5.33 14.74
N LEU E 63 -15.71 -4.76 14.47
CA LEU E 63 -15.37 -4.35 13.08
C LEU E 63 -15.27 -5.59 12.20
N GLU E 64 -14.71 -6.67 12.73
CA GLU E 64 -14.59 -7.93 11.96
C GLU E 64 -15.98 -8.38 11.54
N ILE E 65 -16.91 -8.46 12.49
CA ILE E 65 -18.32 -8.86 12.20
C ILE E 65 -18.87 -7.92 11.14
N LYS E 66 -18.69 -6.62 11.33
CA LYS E 66 -19.18 -5.62 10.34
C LYS E 66 -18.57 -5.95 8.98
N SER E 67 -17.26 -6.17 8.93
CA SER E 67 -16.57 -6.48 7.65
C SER E 67 -17.17 -7.72 6.99
N LEU E 68 -17.34 -8.81 7.75
CA LEU E 68 -17.83 -10.06 7.18
C LEU E 68 -19.27 -9.95 6.70
N LEU E 69 -20.14 -9.34 7.52
CA LEU E 69 -21.52 -9.10 7.09
C LEU E 69 -21.57 -8.33 5.78
N GLU E 70 -20.66 -7.38 5.61
CA GLU E 70 -20.62 -6.64 4.37
C GLU E 70 -20.28 -7.53 3.19
N LYS E 71 -19.63 -8.66 3.44
CA LYS E 71 -19.11 -9.48 2.36
C LYS E 71 -20.11 -10.54 1.91
N GLY E 72 -21.26 -10.64 2.56
CA GLY E 72 -22.31 -11.57 2.18
C GLY E 72 -22.55 -12.70 3.17
N PHE E 73 -21.69 -12.78 4.17
CA PHE E 73 -21.75 -13.91 5.14
C PHE E 73 -22.87 -13.65 6.13
N ASN E 74 -23.56 -14.73 6.50
CA ASN E 74 -24.66 -14.60 7.49
C ASN E 74 -24.09 -14.81 8.90
N ILE E 75 -24.92 -14.58 9.91
CA ILE E 75 -24.49 -14.68 11.33
C ILE E 75 -23.94 -16.07 11.64
N LYS E 76 -24.54 -17.13 11.08
CA LYS E 76 -24.09 -18.45 11.50
C LYS E 76 -22.81 -18.84 10.77
N GLU E 77 -22.62 -18.31 9.55
CA GLU E 77 -21.34 -18.44 8.88
C GLU E 77 -20.24 -17.68 9.64
N ILE E 78 -20.53 -16.43 10.00
CA ILE E 78 -19.54 -15.57 10.69
C ILE E 78 -19.12 -16.21 12.02
N LYS E 79 -20.02 -16.95 12.66
CA LYS E 79 -19.68 -17.59 13.96
C LYS E 79 -18.61 -18.65 13.75
N GLN E 80 -18.66 -19.37 12.63
CA GLN E 80 -17.68 -20.43 12.34
C GLN E 80 -16.35 -19.81 11.89
N ILE E 82 -14.92 -17.08 13.09
CA ILE E 82 -14.13 -16.42 14.12
C ILE E 82 -13.77 -17.31 15.32
N TYR E 83 -14.43 -18.47 15.51
CA TYR E 83 -14.33 -19.08 16.83
C TYR E 83 -13.61 -20.42 16.88
N ASP E 84 -14.00 -21.41 16.04
CA ASP E 84 -13.82 -22.83 16.37
C ASP E 84 -12.57 -23.19 17.19
N SER E 85 -11.39 -22.76 16.74
CA SER E 85 -10.15 -23.24 17.35
C SER E 85 -9.36 -22.18 18.10
N ALA F 9 -5.58 2.88 17.03
CA ALA F 9 -5.58 4.23 16.47
C ALA F 9 -6.70 5.10 17.06
N ILE F 10 -6.92 4.95 18.35
CA ILE F 10 -7.73 5.88 19.13
C ILE F 10 -6.83 7.08 19.45
N ARG F 11 -7.05 8.20 18.76
CA ARG F 11 -6.18 9.36 18.91
C ARG F 11 -6.19 9.86 20.35
N ARG F 12 -5.09 10.47 20.76
CA ARG F 12 -4.88 10.82 22.16
C ARG F 12 -5.83 11.92 22.65
N ASN F 13 -6.42 12.71 21.75
CA ASN F 13 -7.37 13.73 22.14
C ASN F 13 -8.83 13.31 21.95
N MET F 14 -9.10 12.05 21.65
CA MET F 14 -10.45 11.56 21.40
C MET F 14 -11.17 11.26 22.72
N ALA F 15 -12.35 11.86 22.90
CA ALA F 15 -13.13 11.70 24.12
C ALA F 15 -13.83 10.35 24.08
N VAL F 16 -13.43 9.41 24.95
CA VAL F 16 -13.99 8.07 24.84
C VAL F 16 -14.37 7.43 26.17
N PHE F 17 -13.92 7.99 27.29
CA PHE F 17 -14.12 7.35 28.59
C PHE F 17 -15.17 8.10 29.40
N SER F 18 -16.12 7.35 29.96
CA SER F 18 -17.14 7.83 30.87
C SER F 18 -16.59 8.01 32.30
N MET F 19 -17.25 8.87 33.07
CA MET F 19 -16.87 9.14 34.46
C MET F 19 -16.40 7.92 35.22
N SER F 20 -17.19 6.84 35.19
CA SER F 20 -16.91 5.69 36.03
C SER F 20 -15.67 4.95 35.59
N VAL F 21 -15.41 4.95 34.29
CA VAL F 21 -14.21 4.28 33.82
C VAL F 21 -12.99 5.11 34.13
N VAL F 22 -13.07 6.44 33.95
CA VAL F 22 -11.96 7.31 34.30
C VAL F 22 -11.67 7.20 35.78
N SER F 23 -12.73 7.09 36.59
CA SER F 23 -12.56 6.97 38.03
C SER F 23 -11.77 5.72 38.39
N LYS F 24 -12.07 4.58 37.74
CA LYS F 24 -11.35 3.35 38.06
C LYS F 24 -9.96 3.32 37.45
N LEU F 25 -9.78 3.98 36.29
CA LEU F 25 -8.45 4.07 35.71
C LEU F 25 -7.52 4.96 36.53
N THR F 26 -8.03 5.86 37.38
CA THR F 26 -7.19 6.78 38.14
C THR F 26 -7.24 6.57 39.65
N ASP F 27 -8.22 5.84 40.17
CA ASP F 27 -8.50 5.77 41.61
C ASP F 27 -8.79 7.14 42.20
N LEU F 28 -9.43 8.00 41.41
CA LEU F 28 -10.00 9.24 41.90
C LEU F 28 -11.50 9.10 41.93
N THR F 29 -12.13 9.64 42.97
CA THR F 29 -13.58 9.72 43.02
C THR F 29 -14.09 10.72 41.98
N PRO F 30 -15.34 10.57 41.53
CA PRO F 30 -15.91 11.60 40.66
C PRO F 30 -15.99 12.95 41.33
N ARG F 31 -16.18 12.98 42.65
CA ARG F 31 -16.08 14.24 43.38
C ARG F 31 -14.73 14.91 43.16
N GLN F 32 -13.64 14.13 43.17
CA GLN F 32 -12.34 14.75 42.94
C GLN F 32 -12.20 15.20 41.51
N ILE F 33 -12.58 14.34 40.56
CA ILE F 33 -12.40 14.63 39.15
C ILE F 33 -13.16 15.90 38.76
N ARG F 34 -14.43 16.01 39.16
CA ARG F 34 -15.19 17.21 38.83
C ARG F 34 -14.56 18.43 39.51
N TYR F 35 -13.95 18.21 40.67
CA TYR F 35 -13.42 19.33 41.43
C TYR F 35 -12.25 19.97 40.69
N TYR F 36 -11.37 19.15 40.10
CA TYR F 36 -10.26 19.71 39.35
C TYR F 36 -10.72 20.44 38.11
N GLU F 37 -11.82 20.00 37.47
CA GLU F 37 -12.35 20.77 36.35
C GLU F 37 -12.83 22.14 36.82
N THR F 38 -13.54 22.18 37.95
CA THR F 38 -13.97 23.44 38.56
C THR F 38 -12.83 24.44 38.72
N HIS F 39 -11.61 23.96 39.00
CA HIS F 39 -10.47 24.84 39.17
C HIS F 39 -9.59 24.96 37.94
N GLU F 40 -10.13 24.62 36.76
CA GLU F 40 -9.48 24.86 35.47
C GLU F 40 -8.20 24.04 35.30
N LEU F 41 -8.10 22.93 36.04
CA LEU F 41 -6.99 22.00 35.90
C LEU F 41 -7.16 21.12 34.69
N ILE F 42 -8.39 21.00 34.20
CA ILE F 42 -8.73 20.10 33.11
C ILE F 42 -10.13 20.50 32.68
N LYS F 43 -10.46 20.29 31.41
CA LYS F 43 -11.80 20.62 30.92
C LYS F 43 -12.21 19.56 29.93
N PRO F 44 -12.80 18.47 30.41
CA PRO F 44 -13.17 17.41 29.48
C PRO F 44 -14.38 17.78 28.63
N GLU F 45 -14.42 17.05 27.54
CA GLU F 45 -15.43 17.09 26.52
C GLU F 45 -16.77 16.63 27.11
N ARG F 46 -17.87 17.17 26.58
CA ARG F 46 -19.23 16.89 27.09
C ARG F 46 -20.13 16.27 26.02
N THR F 47 -21.01 15.35 26.40
CA THR F 47 -22.02 14.91 25.43
C THR F 47 -23.11 15.98 25.24
N GLU F 48 -24.05 15.72 24.33
CA GLU F 48 -25.13 16.70 24.17
C GLU F 48 -26.03 16.78 25.39
N GLY F 49 -25.98 15.80 26.31
CA GLY F 49 -26.71 15.87 27.56
C GLY F 49 -25.83 16.28 28.74
N GLN F 50 -24.62 16.78 28.43
CA GLN F 50 -23.72 17.40 29.41
C GLN F 50 -23.07 16.36 30.33
N LYS F 51 -22.95 15.12 29.88
CA LYS F 51 -22.11 14.14 30.56
C LYS F 51 -20.67 14.28 30.07
N ARG F 52 -19.73 14.23 31.01
CA ARG F 52 -18.29 14.34 30.71
C ARG F 52 -17.77 13.09 30.02
N LEU F 53 -17.04 13.28 28.92
CA LEU F 53 -16.33 12.19 28.23
C LEU F 53 -14.85 12.55 28.13
N PHE F 54 -13.99 11.66 28.60
CA PHE F 54 -12.57 11.95 28.78
C PHE F 54 -11.73 11.28 27.69
N SER F 55 -10.53 11.80 27.49
CA SER F 55 -9.57 11.36 26.49
C SER F 55 -8.36 10.75 27.16
N LEU F 56 -7.49 10.15 26.35
CA LEU F 56 -6.21 9.68 26.90
C LEU F 56 -5.42 10.84 27.51
N ASN F 57 -5.37 11.99 26.82
CA ASN F 57 -4.71 13.16 27.41
C ASN F 57 -5.36 13.55 28.73
N ASP F 58 -6.70 13.55 28.82
CA ASP F 58 -7.36 13.80 30.10
C ASP F 58 -6.86 12.81 31.15
N LEU F 59 -6.59 11.58 30.72
CA LEU F 59 -6.11 10.56 31.64
C LEU F 59 -4.71 10.90 32.18
N GLU F 60 -3.78 11.28 31.32
CA GLU F 60 -2.49 11.61 31.88
C GLU F 60 -2.57 12.90 32.69
N ARG F 61 -3.43 13.83 32.28
CA ARG F 61 -3.54 15.10 33.04
C ARG F 61 -4.04 14.85 34.46
N LEU F 62 -4.92 13.86 34.65
CA LEU F 62 -5.49 13.57 35.99
C LEU F 62 -4.48 12.84 36.86
N LEU F 63 -3.75 11.89 36.28
CA LEU F 63 -2.77 11.08 37.05
C LEU F 63 -1.69 11.99 37.63
N GLU F 64 -1.23 12.96 36.84
CA GLU F 64 -0.17 13.88 37.33
C GLU F 64 -0.77 14.88 38.32
N ILE F 65 -2.05 15.22 38.18
CA ILE F 65 -2.70 16.03 39.25
C ILE F 65 -2.69 15.21 40.53
N LYS F 66 -3.05 13.94 40.44
CA LYS F 66 -3.09 13.07 41.64
C LYS F 66 -1.69 13.01 42.26
N SER F 67 -0.68 12.79 41.41
CA SER F 67 0.72 12.71 41.87
C SER F 67 1.07 13.90 42.76
N LEU F 68 0.98 15.12 42.20
CA LEU F 68 1.31 16.35 42.96
C LEU F 68 0.55 16.36 44.29
N LEU F 69 -0.68 15.87 44.31
CA LEU F 69 -1.34 15.79 45.61
C LEU F 69 -0.68 14.78 46.53
N GLU F 70 0.03 13.79 45.95
CA GLU F 70 0.91 12.93 46.74
C GLU F 70 1.84 13.77 47.61
N LYS F 71 2.62 14.63 46.96
CA LYS F 71 3.68 15.41 47.56
C LYS F 71 3.19 16.61 48.36
N GLY F 72 1.89 16.64 48.67
CA GLY F 72 1.37 17.66 49.57
C GLY F 72 1.13 19.00 48.93
N PHE F 73 1.30 19.11 47.62
CA PHE F 73 1.04 20.37 46.93
C PHE F 73 -0.43 20.76 46.98
N ASN F 74 -0.65 22.07 47.06
CA ASN F 74 -1.93 22.76 46.99
C ASN F 74 -2.50 22.63 45.57
N ILE F 75 -3.80 22.95 45.42
CA ILE F 75 -4.34 23.02 44.07
C ILE F 75 -3.86 24.29 43.35
N LYS F 76 -3.79 25.43 44.04
CA LYS F 76 -3.23 26.62 43.42
C LYS F 76 -1.78 26.40 42.99
N GLU F 77 -1.02 25.63 43.78
CA GLU F 77 0.33 25.29 43.38
C GLU F 77 0.34 24.41 42.15
N ILE F 78 -0.60 23.48 42.06
CA ILE F 78 -0.65 22.57 40.92
C ILE F 78 -0.99 23.33 39.65
N LYS F 79 -1.87 24.33 39.75
CA LYS F 79 -2.18 25.14 38.57
C LYS F 79 -0.90 25.72 37.97
N GLN F 80 -0.03 26.30 38.81
CA GLN F 80 1.21 26.90 38.32
C GLN F 80 2.12 25.86 37.67
N ILE F 81 2.23 24.67 38.29
CA ILE F 81 3.11 23.65 37.74
C ILE F 81 2.66 23.21 36.35
N ILE F 82 1.44 22.66 36.25
CA ILE F 82 1.02 22.04 34.99
C ILE F 82 0.96 23.05 33.87
N TYR F 83 0.87 24.34 34.19
CA TYR F 83 0.91 25.38 33.16
C TYR F 83 2.29 26.01 33.03
N ASP F 84 3.34 25.21 33.27
CA ASP F 84 4.72 25.43 32.81
C ASP F 84 5.63 24.33 33.35
#